data_1VSO
#
_entry.id   1VSO
#
_cell.length_a   108.900
_cell.length_b   108.900
_cell.length_c   51.092
_cell.angle_alpha   90.000
_cell.angle_beta   90.000
_cell.angle_gamma   120.000
#
_symmetry.space_group_name_H-M   'P 64'
#
loop_
_entity.id
_entity.type
_entity.pdbx_description
1 polymer 'Glutamate receptor, ionotropic kainate 1'
2 non-polymer '(S)-2-AMINO-3-(5-TERT-BUTYL-3-(PHOSPHONOMETHOXY)-4-ISOXAZOLYL)PROPIONIC ACID'
3 non-polymer GLYCEROL
4 water water
#
_entity_poly.entity_id   1
_entity_poly.type   'polypeptide(L)'
_entity_poly.pdbx_seq_one_letter_code
;GANRTLIVTTILEEPYVMYRKSDKPLYGNDRFEGYCLDLLKELSNILGFLYDVKLVPDGKYGAQNDKGEWNGMVKELIDH
RADLAVAPLTITYVREKVIDFSKPFMTLGISILYRKGTPIDSADDLAKQTKIEYGAVRDGSTMTFFKKSKISTYEKMWAF
MSSRQQSALVKNSDEGIQRVLTTDYALLMESTSIEYVTQRNCNLTQIGGLIDSKGYGVGTPIGSPYRDKITIAILQLQEE
GKLHMMKEKWWRGNGCP
;
_entity_poly.pdbx_strand_id   A
#
# COMPACT_ATOMS: atom_id res chain seq x y z
N THR A 5 26.24 -4.07 -0.54
CA THR A 5 26.33 -5.50 -0.94
C THR A 5 24.94 -6.14 -1.16
N LEU A 6 23.94 -5.70 -0.39
CA LEU A 6 22.59 -6.25 -0.54
C LEU A 6 21.82 -5.53 -1.63
N ILE A 7 21.18 -6.31 -2.50
CA ILE A 7 20.38 -5.75 -3.58
C ILE A 7 18.94 -5.62 -3.11
N VAL A 8 18.42 -4.41 -3.15
CA VAL A 8 17.04 -4.15 -2.71
C VAL A 8 16.18 -3.81 -3.91
N THR A 9 15.12 -4.59 -4.12
CA THR A 9 14.21 -4.31 -5.21
C THR A 9 13.04 -3.51 -4.66
N THR A 10 12.60 -2.52 -5.43
CA THR A 10 11.48 -1.71 -4.97
C THR A 10 10.75 -1.14 -6.18
N ILE A 11 9.79 -0.26 -5.91
CA ILE A 11 9.01 0.32 -6.99
C ILE A 11 8.62 1.76 -6.70
N LEU A 12 8.64 2.58 -7.75
CA LEU A 12 8.27 3.97 -7.61
C LEU A 12 6.80 4.04 -7.22
N GLU A 13 6.54 4.62 -6.06
CA GLU A 13 5.18 4.73 -5.54
C GLU A 13 5.16 5.81 -4.47
N GLU A 14 4.41 6.88 -4.71
CA GLU A 14 4.32 7.99 -3.77
C GLU A 14 3.56 7.58 -2.51
N PRO A 15 4.09 7.87 -1.31
CA PRO A 15 5.36 8.55 -0.97
C PRO A 15 6.41 7.57 -0.47
N TYR A 16 6.27 6.30 -0.83
CA TYR A 16 7.19 5.27 -0.40
C TYR A 16 8.55 5.41 -1.07
N VAL A 17 8.53 5.54 -2.39
CA VAL A 17 9.74 5.69 -3.20
C VAL A 17 9.46 6.72 -4.29
N MET A 18 10.21 7.81 -4.27
CA MET A 18 10.05 8.90 -5.24
C MET A 18 11.42 9.47 -5.60
N TYR A 19 11.50 10.17 -6.72
CA TYR A 19 12.74 10.80 -7.12
C TYR A 19 12.85 12.11 -6.34
N ARG A 20 14.03 12.41 -5.80
CA ARG A 20 14.25 13.67 -5.10
C ARG A 20 13.94 14.78 -6.11
N LYS A 21 13.40 15.89 -5.63
CA LYS A 21 13.08 17.00 -6.52
C LYS A 21 14.37 17.61 -7.05
N SER A 22 14.46 17.74 -8.36
CA SER A 22 15.66 18.30 -8.98
C SER A 22 15.46 18.46 -10.49
N ASP A 23 16.21 19.37 -11.09
CA ASP A 23 16.11 19.59 -12.52
C ASP A 23 17.36 19.07 -13.25
N LYS A 24 18.26 18.46 -12.49
CA LYS A 24 19.48 17.91 -13.06
C LYS A 24 19.52 16.40 -12.82
N PRO A 25 20.32 15.67 -13.61
CA PRO A 25 20.41 14.22 -13.44
C PRO A 25 20.92 13.82 -12.05
N LEU A 26 20.24 12.87 -11.42
CA LEU A 26 20.62 12.39 -10.08
C LEU A 26 21.14 10.95 -10.17
N TYR A 27 22.14 10.64 -9.35
CA TYR A 27 22.77 9.32 -9.35
C TYR A 27 22.71 8.57 -8.02
N GLY A 28 22.86 7.25 -8.11
CA GLY A 28 22.89 6.39 -6.93
C GLY A 28 21.60 6.30 -6.15
N ASN A 29 21.66 5.62 -5.01
CA ASN A 29 20.49 5.44 -4.15
C ASN A 29 19.91 6.77 -3.71
N ASP A 30 20.75 7.79 -3.58
CA ASP A 30 20.29 9.09 -3.14
C ASP A 30 19.38 9.82 -4.13
N ARG A 31 19.20 9.25 -5.33
CA ARG A 31 18.30 9.88 -6.29
C ARG A 31 16.88 9.60 -5.83
N PHE A 32 16.75 8.64 -4.91
CA PHE A 32 15.44 8.25 -4.36
C PHE A 32 15.26 8.78 -2.95
N GLU A 33 14.00 9.01 -2.56
CA GLU A 33 13.67 9.47 -1.22
C GLU A 33 12.25 8.98 -0.92
N GLY A 34 11.89 8.93 0.36
CA GLY A 34 10.55 8.50 0.70
C GLY A 34 10.51 7.60 1.92
N TYR A 35 9.31 7.19 2.30
CA TYR A 35 9.13 6.33 3.47
C TYR A 35 9.98 5.07 3.44
N CYS A 36 9.96 4.35 2.34
CA CYS A 36 10.73 3.13 2.24
C CYS A 36 12.24 3.34 2.23
N LEU A 37 12.69 4.49 1.76
CA LEU A 37 14.13 4.78 1.77
C LEU A 37 14.54 5.03 3.22
N ASP A 38 13.70 5.74 3.95
CA ASP A 38 13.99 6.02 5.36
C ASP A 38 13.98 4.70 6.14
N LEU A 39 13.05 3.81 5.80
CA LEU A 39 12.97 2.53 6.48
C LEU A 39 14.23 1.72 6.17
N LEU A 40 14.66 1.76 4.91
CA LEU A 40 15.86 1.04 4.50
C LEU A 40 17.09 1.56 5.24
N LYS A 41 17.20 2.87 5.39
CA LYS A 41 18.34 3.45 6.09
C LYS A 41 18.34 2.96 7.54
N GLU A 42 17.17 2.93 8.16
CA GLU A 42 17.05 2.47 9.54
C GLU A 42 17.43 0.99 9.67
N LEU A 43 16.99 0.17 8.72
CA LEU A 43 17.30 -1.25 8.73
C LEU A 43 18.80 -1.47 8.54
N SER A 44 19.37 -0.80 7.54
CA SER A 44 20.79 -0.94 7.26
C SER A 44 21.62 -0.52 8.45
N ASN A 45 21.16 0.49 9.18
CA ASN A 45 21.89 0.97 10.36
C ASN A 45 21.83 -0.03 11.51
N ILE A 46 20.67 -0.66 11.69
CA ILE A 46 20.50 -1.63 12.75
C ILE A 46 21.22 -2.94 12.44
N LEU A 47 21.02 -3.47 11.25
CA LEU A 47 21.67 -4.72 10.87
C LEU A 47 23.10 -4.53 10.41
N GLY A 48 23.43 -3.31 9.99
CA GLY A 48 24.78 -3.05 9.54
C GLY A 48 25.10 -3.66 8.19
N PHE A 49 24.47 -3.15 7.15
CA PHE A 49 24.71 -3.65 5.80
C PHE A 49 24.63 -2.52 4.80
N LEU A 50 25.26 -2.71 3.64
CA LEU A 50 25.25 -1.71 2.59
C LEU A 50 24.21 -2.22 1.59
N TYR A 51 23.64 -1.32 0.80
CA TYR A 51 22.62 -1.74 -0.15
C TYR A 51 22.63 -1.00 -1.47
N ASP A 52 22.01 -1.63 -2.47
CA ASP A 52 21.91 -1.08 -3.81
C ASP A 52 20.44 -1.15 -4.20
N VAL A 53 19.79 0.02 -4.30
CA VAL A 53 18.37 0.08 -4.67
C VAL A 53 18.15 -0.05 -6.16
N LYS A 54 17.35 -1.05 -6.55
CA LYS A 54 17.03 -1.28 -7.95
C LYS A 54 15.52 -1.29 -8.15
N LEU A 55 15.07 -0.68 -9.24
CA LEU A 55 13.65 -0.65 -9.53
C LEU A 55 13.28 -1.94 -10.26
N VAL A 56 12.26 -2.64 -9.78
CA VAL A 56 11.84 -3.87 -10.43
C VAL A 56 11.48 -3.53 -11.88
N PRO A 57 12.07 -4.25 -12.85
CA PRO A 57 11.83 -4.03 -14.28
C PRO A 57 10.38 -3.87 -14.76
N ASP A 58 9.52 -4.83 -14.46
CA ASP A 58 8.13 -4.74 -14.93
C ASP A 58 7.25 -3.80 -14.13
N GLY A 59 7.80 -3.20 -13.08
CA GLY A 59 7.05 -2.27 -12.26
C GLY A 59 5.82 -2.86 -11.57
N LYS A 60 5.86 -4.16 -11.28
CA LYS A 60 4.73 -4.83 -10.62
C LYS A 60 5.12 -5.24 -9.20
N TYR A 61 4.11 -5.35 -8.33
CA TYR A 61 4.37 -5.77 -6.96
C TYR A 61 4.63 -7.27 -6.87
N GLY A 62 3.78 -8.06 -7.51
CA GLY A 62 3.97 -9.49 -7.49
C GLY A 62 2.69 -10.30 -7.54
N ALA A 63 2.44 -10.93 -8.68
CA ALA A 63 1.25 -11.76 -8.85
C ALA A 63 1.62 -12.94 -9.74
N GLN A 64 0.80 -13.98 -9.71
CA GLN A 64 1.06 -15.17 -10.50
C GLN A 64 0.00 -15.40 -11.58
N TRP A 70 5.15 -16.16 -11.48
CA TRP A 70 5.20 -14.89 -10.76
C TRP A 70 5.94 -13.78 -11.51
N ASN A 71 5.61 -12.54 -11.15
CA ASN A 71 6.24 -11.36 -11.74
C ASN A 71 6.56 -10.38 -10.62
N GLY A 72 6.91 -9.15 -10.98
CA GLY A 72 7.20 -8.13 -10.00
C GLY A 72 8.31 -8.43 -9.01
N MET A 73 8.30 -7.73 -7.89
CA MET A 73 9.32 -7.89 -6.85
C MET A 73 9.34 -9.32 -6.29
N VAL A 74 8.17 -9.95 -6.20
CA VAL A 74 8.11 -11.31 -5.69
C VAL A 74 8.98 -12.23 -6.54
N LYS A 75 8.90 -12.06 -7.86
CA LYS A 75 9.69 -12.87 -8.78
C LYS A 75 11.18 -12.57 -8.62
N GLU A 76 11.52 -11.30 -8.44
CA GLU A 76 12.92 -10.93 -8.26
C GLU A 76 13.50 -11.68 -7.06
N LEU A 77 12.71 -11.79 -6.00
CA LEU A 77 13.16 -12.49 -4.79
C LEU A 77 13.22 -13.99 -5.07
N ILE A 78 12.20 -14.52 -5.72
CA ILE A 78 12.15 -15.94 -6.05
C ILE A 78 13.38 -16.35 -6.87
N ASP A 79 13.71 -15.54 -7.89
CA ASP A 79 14.85 -15.84 -8.74
C ASP A 79 16.17 -15.44 -8.10
N HIS A 80 16.10 -14.96 -6.87
CA HIS A 80 17.29 -14.56 -6.12
C HIS A 80 18.11 -13.46 -6.78
N ARG A 81 17.44 -12.53 -7.47
CA ARG A 81 18.11 -11.40 -8.10
C ARG A 81 18.10 -10.21 -7.13
N ALA A 82 17.37 -10.37 -6.04
CA ALA A 82 17.28 -9.33 -5.03
C ALA A 82 17.37 -9.99 -3.65
N ASP A 83 17.99 -9.31 -2.71
CA ASP A 83 18.13 -9.86 -1.36
C ASP A 83 16.94 -9.46 -0.50
N LEU A 84 16.39 -8.28 -0.79
CA LEU A 84 15.24 -7.76 -0.06
C LEU A 84 14.33 -6.98 -0.98
N ALA A 85 13.06 -6.90 -0.60
CA ALA A 85 12.09 -6.12 -1.32
C ALA A 85 11.58 -5.19 -0.25
N VAL A 86 11.86 -3.89 -0.38
CA VAL A 86 11.41 -2.92 0.60
C VAL A 86 10.43 -1.99 -0.12
N ALA A 87 9.15 -2.24 0.11
CA ALA A 87 8.09 -1.48 -0.54
C ALA A 87 6.77 -1.83 0.16
N PRO A 88 5.69 -1.11 -0.18
CA PRO A 88 4.38 -1.40 0.43
C PRO A 88 3.81 -2.68 -0.19
N LEU A 89 4.48 -3.79 0.13
CA LEU A 89 4.12 -5.11 -0.38
C LEU A 89 3.25 -5.84 0.64
N THR A 90 1.99 -6.05 0.28
CA THR A 90 1.06 -6.72 1.19
C THR A 90 1.40 -8.17 1.45
N ILE A 91 1.39 -8.52 2.73
CA ILE A 91 1.65 -9.88 3.20
C ILE A 91 0.37 -10.65 2.92
N THR A 92 0.44 -11.58 1.97
CA THR A 92 -0.73 -12.39 1.62
C THR A 92 -0.41 -13.87 1.61
N TYR A 93 -1.48 -14.66 1.70
CA TYR A 93 -1.41 -16.11 1.69
C TYR A 93 -0.60 -16.65 0.52
N VAL A 94 -0.99 -16.29 -0.71
N VAL A 94 -0.99 -16.28 -0.69
CA VAL A 94 -0.29 -16.79 -1.89
CA VAL A 94 -0.31 -16.77 -1.88
C VAL A 94 1.17 -16.36 -1.99
C VAL A 94 1.16 -16.36 -1.97
N ARG A 95 1.48 -15.14 -1.55
CA ARG A 95 2.86 -14.65 -1.60
C ARG A 95 3.75 -15.28 -0.53
N GLU A 96 3.18 -15.47 0.67
CA GLU A 96 3.94 -16.05 1.78
C GLU A 96 4.39 -17.48 1.47
N LYS A 97 3.76 -18.12 0.50
CA LYS A 97 4.13 -19.49 0.15
C LYS A 97 5.37 -19.55 -0.76
N VAL A 98 5.70 -18.43 -1.39
CA VAL A 98 6.85 -18.39 -2.28
C VAL A 98 8.01 -17.53 -1.81
N ILE A 99 7.73 -16.61 -0.89
CA ILE A 99 8.77 -15.75 -0.33
C ILE A 99 8.47 -15.59 1.17
N ASP A 100 9.40 -14.98 1.90
CA ASP A 100 9.19 -14.74 3.31
C ASP A 100 8.94 -13.26 3.53
N PHE A 101 8.17 -12.96 4.57
CA PHE A 101 7.85 -11.58 4.91
C PHE A 101 8.25 -11.33 6.36
N SER A 102 8.70 -10.13 6.64
CA SER A 102 9.05 -9.76 7.99
C SER A 102 7.69 -9.46 8.63
N LYS A 103 7.68 -9.22 9.94
CA LYS A 103 6.43 -8.87 10.58
C LYS A 103 6.13 -7.50 9.98
N PRO A 104 4.84 -7.12 9.89
CA PRO A 104 4.39 -5.85 9.31
C PRO A 104 4.97 -4.55 9.85
N PHE A 105 5.40 -3.67 8.94
CA PHE A 105 5.92 -2.38 9.37
C PHE A 105 4.78 -1.36 9.26
N MET A 106 3.67 -1.80 8.69
CA MET A 106 2.49 -0.97 8.55
C MET A 106 1.28 -1.92 8.50
N THR A 107 0.19 -1.53 9.16
CA THR A 107 -1.03 -2.33 9.15
C THR A 107 -2.11 -1.44 8.57
N LEU A 108 -2.92 -2.00 7.68
CA LEU A 108 -3.93 -1.23 6.98
C LEU A 108 -5.09 -2.10 6.55
N GLY A 109 -5.83 -1.62 5.56
CA GLY A 109 -6.95 -2.36 5.02
C GLY A 109 -7.74 -1.55 4.02
N ILE A 110 -8.79 -2.14 3.49
CA ILE A 110 -9.65 -1.45 2.54
C ILE A 110 -10.46 -0.40 3.29
N SER A 111 -10.70 0.73 2.64
CA SER A 111 -11.54 1.75 3.24
C SER A 111 -12.21 2.57 2.15
N ILE A 112 -12.95 3.60 2.55
CA ILE A 112 -13.68 4.43 1.62
C ILE A 112 -13.18 5.87 1.48
N LEU A 113 -13.07 6.31 0.23
CA LEU A 113 -12.67 7.68 -0.08
C LEU A 113 -13.93 8.36 -0.62
N TYR A 114 -14.33 9.46 -0.01
CA TYR A 114 -15.52 10.17 -0.44
C TYR A 114 -15.34 11.67 -0.16
N ARG A 115 -16.27 12.48 -0.64
CA ARG A 115 -16.19 13.92 -0.40
C ARG A 115 -16.68 14.24 1.00
N LYS A 116 -16.13 15.29 1.60
CA LYS A 116 -16.56 15.72 2.93
C LYS A 116 -17.93 16.39 2.81
N GLY A 117 -18.56 16.63 3.96
CA GLY A 117 -19.85 17.32 3.97
C GLY A 117 -21.14 16.54 3.77
N THR A 118 -21.09 15.22 3.89
CA THR A 118 -22.30 14.43 3.72
C THR A 118 -22.61 13.64 4.99
N PRO A 119 -23.84 13.11 5.10
CA PRO A 119 -24.18 12.35 6.30
C PRO A 119 -23.65 10.90 6.26
N ILE A 120 -23.02 10.52 5.15
CA ILE A 120 -22.47 9.17 5.01
C ILE A 120 -21.31 8.99 5.99
N ASP A 121 -21.43 8.00 6.88
CA ASP A 121 -20.39 7.78 7.88
C ASP A 121 -19.83 6.36 7.97
N SER A 122 -20.32 5.44 7.14
CA SER A 122 -19.86 4.06 7.17
C SER A 122 -20.22 3.32 5.89
N ALA A 123 -19.68 2.12 5.74
CA ALA A 123 -19.98 1.30 4.57
C ALA A 123 -21.48 0.98 4.59
N ASP A 124 -22.02 0.77 5.78
CA ASP A 124 -23.45 0.46 5.92
C ASP A 124 -24.30 1.58 5.31
N ASP A 125 -23.92 2.82 5.56
CA ASP A 125 -24.66 3.96 5.01
C ASP A 125 -24.71 3.91 3.49
N LEU A 126 -23.61 3.47 2.86
CA LEU A 126 -23.58 3.37 1.40
C LEU A 126 -24.36 2.16 0.92
N ALA A 127 -24.23 1.07 1.68
CA ALA A 127 -24.91 -0.18 1.33
C ALA A 127 -26.43 -0.08 1.31
N LYS A 128 -26.99 0.77 2.17
CA LYS A 128 -28.45 0.90 2.24
C LYS A 128 -29.06 1.99 1.37
N GLN A 129 -28.36 2.39 0.31
CA GLN A 129 -28.86 3.40 -0.59
C GLN A 129 -28.33 3.17 -2.01
N THR A 130 -28.87 3.90 -2.97
CA THR A 130 -28.46 3.73 -4.36
C THR A 130 -28.21 5.05 -5.09
N LYS A 131 -28.50 6.17 -4.44
CA LYS A 131 -28.30 7.47 -5.07
C LYS A 131 -26.81 7.70 -5.31
N ILE A 132 -26.01 7.45 -4.27
CA ILE A 132 -24.57 7.61 -4.36
C ILE A 132 -23.96 6.33 -4.91
N GLU A 133 -23.25 6.45 -6.03
CA GLU A 133 -22.62 5.28 -6.62
C GLU A 133 -21.28 5.08 -5.92
N TYR A 134 -20.81 3.84 -5.92
CA TYR A 134 -19.54 3.53 -5.29
C TYR A 134 -18.98 2.27 -5.93
N GLY A 135 -17.67 2.13 -5.90
CA GLY A 135 -17.06 0.96 -6.50
C GLY A 135 -15.58 0.87 -6.20
N ALA A 136 -14.87 0.12 -7.04
CA ALA A 136 -13.44 -0.09 -6.88
C ALA A 136 -12.82 -0.33 -8.25
N VAL A 137 -11.50 -0.45 -8.27
CA VAL A 137 -10.76 -0.70 -9.50
C VAL A 137 -11.13 -2.06 -10.04
N ARG A 138 -11.60 -2.09 -11.27
CA ARG A 138 -12.02 -3.32 -11.93
C ARG A 138 -10.96 -4.43 -11.78
N ASP A 139 -11.41 -5.59 -11.32
CA ASP A 139 -10.57 -6.77 -11.14
C ASP A 139 -9.43 -6.68 -10.13
N GLY A 140 -9.47 -5.71 -9.23
CA GLY A 140 -8.43 -5.58 -8.23
C GLY A 140 -8.78 -6.43 -7.03
N SER A 141 -7.91 -6.44 -6.02
CA SER A 141 -8.15 -7.23 -4.82
C SER A 141 -9.32 -6.66 -4.02
N THR A 142 -9.57 -5.37 -4.17
CA THR A 142 -10.68 -4.74 -3.45
C THR A 142 -12.00 -5.23 -4.03
N MET A 143 -12.09 -5.27 -5.35
CA MET A 143 -13.31 -5.75 -5.99
C MET A 143 -13.52 -7.22 -5.65
N THR A 144 -12.44 -7.98 -5.63
CA THR A 144 -12.49 -9.41 -5.31
C THR A 144 -12.96 -9.62 -3.87
N PHE A 145 -12.55 -8.74 -2.98
CA PHE A 145 -12.95 -8.83 -1.57
C PHE A 145 -14.48 -8.81 -1.48
N PHE A 146 -15.09 -7.84 -2.17
CA PHE A 146 -16.54 -7.72 -2.15
C PHE A 146 -17.25 -8.87 -2.83
N LYS A 147 -16.72 -9.31 -3.96
CA LYS A 147 -17.30 -10.42 -4.69
C LYS A 147 -17.32 -11.71 -3.86
N LYS A 148 -16.31 -11.90 -3.02
CA LYS A 148 -16.24 -13.11 -2.22
C LYS A 148 -16.77 -13.00 -0.79
N SER A 149 -17.05 -11.79 -0.33
CA SER A 149 -17.53 -11.60 1.03
C SER A 149 -18.89 -12.24 1.30
N LYS A 150 -19.06 -12.76 2.51
CA LYS A 150 -20.31 -13.37 2.92
C LYS A 150 -20.82 -12.59 4.12
N ILE A 151 -20.34 -11.34 4.23
CA ILE A 151 -20.75 -10.45 5.31
C ILE A 151 -21.86 -9.57 4.73
N SER A 152 -22.96 -9.45 5.46
CA SER A 152 -24.12 -8.68 5.01
C SER A 152 -23.83 -7.38 4.27
N THR A 153 -23.14 -6.47 4.93
CA THR A 153 -22.83 -5.17 4.36
C THR A 153 -22.09 -5.22 3.01
N TYR A 154 -21.09 -6.08 2.92
CA TYR A 154 -20.29 -6.17 1.72
C TYR A 154 -20.96 -6.98 0.61
N GLU A 155 -21.88 -7.87 0.96
CA GLU A 155 -22.60 -8.64 -0.03
C GLU A 155 -23.54 -7.68 -0.74
N LYS A 156 -24.21 -6.83 0.05
CA LYS A 156 -25.14 -5.85 -0.49
C LYS A 156 -24.37 -4.89 -1.41
N MET A 157 -23.18 -4.50 -0.97
CA MET A 157 -22.37 -3.58 -1.77
C MET A 157 -21.92 -4.24 -3.07
N TRP A 158 -21.56 -5.52 -3.02
CA TRP A 158 -21.15 -6.21 -4.24
C TRP A 158 -22.32 -6.32 -5.21
N ALA A 159 -23.51 -6.56 -4.69
CA ALA A 159 -24.71 -6.68 -5.51
C ALA A 159 -24.91 -5.38 -6.28
N PHE A 160 -24.66 -4.26 -5.59
CA PHE A 160 -24.79 -2.93 -6.18
C PHE A 160 -23.70 -2.72 -7.22
N MET A 161 -22.45 -2.92 -6.81
CA MET A 161 -21.31 -2.75 -7.71
C MET A 161 -21.43 -3.65 -8.92
N SER A 162 -21.86 -4.89 -8.69
CA SER A 162 -22.00 -5.87 -9.76
C SER A 162 -23.09 -5.49 -10.75
N SER A 163 -24.20 -4.96 -10.25
CA SER A 163 -25.31 -4.57 -11.11
C SER A 163 -24.93 -3.35 -11.95
N SER A 167 -20.51 -0.44 -14.19
CA SER A 167 -20.10 0.93 -14.50
C SER A 167 -19.65 1.64 -13.23
N ALA A 168 -19.84 0.99 -12.09
CA ALA A 168 -19.44 1.54 -10.80
C ALA A 168 -17.97 1.22 -10.53
N LEU A 169 -17.39 0.35 -11.36
CA LEU A 169 -15.99 -0.02 -11.22
C LEU A 169 -15.15 0.87 -12.12
N VAL A 170 -13.92 1.18 -11.70
CA VAL A 170 -13.05 2.06 -12.47
C VAL A 170 -11.82 1.35 -13.02
N LYS A 171 -11.18 1.98 -14.01
CA LYS A 171 -9.99 1.43 -14.65
C LYS A 171 -8.80 1.34 -13.70
N ASN A 172 -8.59 2.40 -12.92
CA ASN A 172 -7.48 2.45 -11.97
C ASN A 172 -7.79 3.44 -10.86
N SER A 173 -6.95 3.45 -9.81
CA SER A 173 -7.17 4.34 -8.68
C SER A 173 -7.20 5.83 -9.04
N ASP A 174 -6.35 6.26 -9.97
CA ASP A 174 -6.35 7.67 -10.34
C ASP A 174 -7.71 8.07 -10.92
N GLU A 175 -8.24 7.25 -11.82
CA GLU A 175 -9.54 7.53 -12.42
C GLU A 175 -10.60 7.52 -11.33
N GLY A 176 -10.42 6.63 -10.35
CA GLY A 176 -11.37 6.53 -9.26
C GLY A 176 -11.41 7.82 -8.45
N ILE A 177 -10.23 8.38 -8.17
CA ILE A 177 -10.13 9.61 -7.39
C ILE A 177 -10.78 10.76 -8.16
N GLN A 178 -10.61 10.78 -9.47
CA GLN A 178 -11.22 11.82 -10.29
C GLN A 178 -12.73 11.66 -10.28
N ARG A 179 -13.17 10.40 -10.26
CA ARG A 179 -14.59 10.09 -10.24
C ARG A 179 -15.18 10.63 -8.94
N VAL A 180 -14.43 10.50 -7.85
CA VAL A 180 -14.86 10.99 -6.55
C VAL A 180 -14.97 12.52 -6.58
N LEU A 181 -13.99 13.15 -7.19
CA LEU A 181 -13.93 14.61 -7.26
C LEU A 181 -14.90 15.26 -8.25
N THR A 182 -15.23 14.55 -9.32
CA THR A 182 -16.12 15.11 -10.34
C THR A 182 -17.56 14.61 -10.35
N THR A 183 -17.84 13.55 -9.60
CA THR A 183 -19.20 13.00 -9.55
C THR A 183 -19.53 12.54 -8.14
N ASP A 184 -20.80 12.20 -7.92
CA ASP A 184 -21.23 11.72 -6.60
C ASP A 184 -20.87 10.25 -6.56
N TYR A 185 -19.60 9.99 -6.27
CA TYR A 185 -19.06 8.64 -6.23
C TYR A 185 -18.12 8.42 -5.04
N ALA A 186 -18.19 7.22 -4.45
CA ALA A 186 -17.32 6.84 -3.33
C ALA A 186 -16.42 5.71 -3.82
N LEU A 187 -15.12 5.85 -3.56
CA LEU A 187 -14.14 4.85 -3.98
C LEU A 187 -13.61 3.98 -2.86
N LEU A 188 -13.61 2.67 -3.10
CA LEU A 188 -13.10 1.70 -2.14
C LEU A 188 -11.68 1.36 -2.58
N MET A 189 -10.71 1.55 -1.69
CA MET A 189 -9.33 1.22 -2.03
C MET A 189 -8.45 1.11 -0.79
N GLU A 190 -7.16 0.84 -0.99
CA GLU A 190 -6.22 0.67 0.12
C GLU A 190 -6.18 1.94 0.99
N SER A 191 -6.39 1.76 2.29
CA SER A 191 -6.46 2.89 3.23
C SER A 191 -5.26 3.81 3.26
N THR A 192 -4.07 3.27 3.06
CA THR A 192 -2.86 4.09 3.09
C THR A 192 -2.93 5.16 2.01
N SER A 193 -3.46 4.80 0.84
CA SER A 193 -3.59 5.77 -0.25
C SER A 193 -4.66 6.81 0.12
N ILE A 194 -5.72 6.36 0.77
CA ILE A 194 -6.79 7.26 1.18
C ILE A 194 -6.24 8.31 2.15
N GLU A 195 -5.42 7.88 3.10
CA GLU A 195 -4.83 8.82 4.06
C GLU A 195 -3.96 9.82 3.32
N TYR A 196 -3.19 9.33 2.35
CA TYR A 196 -2.30 10.21 1.59
C TYR A 196 -3.09 11.26 0.80
N VAL A 197 -4.15 10.83 0.14
CA VAL A 197 -4.98 11.73 -0.66
C VAL A 197 -5.77 12.74 0.17
N THR A 198 -6.34 12.30 1.28
CA THR A 198 -7.12 13.19 2.11
C THR A 198 -6.24 14.23 2.81
N GLN A 199 -4.98 13.91 3.03
CA GLN A 199 -4.06 14.85 3.65
C GLN A 199 -3.71 15.96 2.68
N ARG A 200 -3.95 15.71 1.40
CA ARG A 200 -3.62 16.67 0.35
C ARG A 200 -4.81 17.32 -0.33
N ASN A 201 -6.01 16.78 -0.11
CA ASN A 201 -7.21 17.37 -0.69
C ASN A 201 -8.26 17.53 0.41
N CYS A 202 -8.32 18.73 0.96
CA CYS A 202 -9.24 19.04 2.04
C CYS A 202 -10.72 18.81 1.71
N ASN A 203 -11.05 18.62 0.44
CA ASN A 203 -12.45 18.37 0.05
C ASN A 203 -12.83 16.91 0.17
N LEU A 204 -11.84 16.05 0.37
CA LEU A 204 -12.05 14.61 0.48
C LEU A 204 -11.83 14.09 1.89
N THR A 205 -12.43 12.94 2.20
CA THR A 205 -12.30 12.36 3.53
C THR A 205 -12.47 10.84 3.48
N GLN A 206 -11.99 10.16 4.52
CA GLN A 206 -12.12 8.71 4.62
C GLN A 206 -13.46 8.46 5.32
N ILE A 207 -14.24 7.53 4.79
CA ILE A 207 -15.53 7.21 5.40
C ILE A 207 -15.38 5.91 6.19
N GLY A 208 -15.67 5.98 7.48
CA GLY A 208 -15.56 4.80 8.33
C GLY A 208 -14.12 4.35 8.55
N GLY A 209 -13.98 3.18 9.15
CA GLY A 209 -12.64 2.65 9.42
C GLY A 209 -12.19 1.64 8.37
N LEU A 210 -11.41 0.66 8.80
CA LEU A 210 -10.91 -0.36 7.89
C LEU A 210 -11.93 -1.47 7.72
N ILE A 211 -12.14 -1.87 6.46
CA ILE A 211 -13.09 -2.91 6.12
C ILE A 211 -12.49 -4.31 6.26
N ASP A 212 -11.20 -4.42 6.00
CA ASP A 212 -10.52 -5.70 6.17
C ASP A 212 -9.17 -5.38 6.81
N SER A 213 -8.32 -6.38 6.99
CA SER A 213 -7.04 -6.13 7.64
C SER A 213 -5.90 -6.86 6.95
N LYS A 214 -4.78 -6.16 6.81
CA LYS A 214 -3.59 -6.73 6.18
C LYS A 214 -2.42 -5.83 6.54
N GLY A 215 -1.20 -6.28 6.25
CA GLY A 215 -0.05 -5.46 6.55
C GLY A 215 1.01 -5.53 5.47
N TYR A 216 1.93 -4.56 5.50
CA TYR A 216 3.03 -4.53 4.54
C TYR A 216 4.24 -5.10 5.26
N GLY A 217 5.01 -5.94 4.56
CA GLY A 217 6.19 -6.49 5.16
C GLY A 217 7.38 -6.44 4.20
N VAL A 218 8.59 -6.48 4.74
CA VAL A 218 9.78 -6.50 3.90
C VAL A 218 9.90 -7.94 3.40
N GLY A 219 10.12 -8.11 2.10
CA GLY A 219 10.23 -9.44 1.56
C GLY A 219 11.65 -9.94 1.39
N THR A 220 11.85 -11.23 1.61
CA THR A 220 13.17 -11.86 1.45
C THR A 220 12.94 -13.22 0.81
N PRO A 221 13.96 -13.78 0.15
CA PRO A 221 13.78 -15.10 -0.46
C PRO A 221 13.61 -16.10 0.68
N ILE A 222 12.89 -17.19 0.43
CA ILE A 222 12.70 -18.20 1.46
C ILE A 222 14.05 -18.73 1.95
N GLY A 223 14.24 -18.71 3.28
CA GLY A 223 15.49 -19.19 3.85
C GLY A 223 16.62 -18.18 3.92
N SER A 224 16.29 -16.89 3.87
CA SER A 224 17.30 -15.85 3.93
C SER A 224 17.88 -15.64 5.32
N PRO A 225 19.18 -15.35 5.41
CA PRO A 225 19.85 -15.13 6.70
C PRO A 225 19.54 -13.76 7.30
N TYR A 226 18.63 -13.02 6.66
CA TYR A 226 18.23 -11.68 7.11
C TYR A 226 16.78 -11.64 7.53
N ARG A 227 16.04 -12.71 7.25
CA ARG A 227 14.63 -12.80 7.58
C ARG A 227 14.28 -12.38 9.01
N ASP A 228 14.82 -13.09 9.99
CA ASP A 228 14.54 -12.80 11.38
C ASP A 228 15.20 -11.50 11.86
N LYS A 229 16.35 -11.18 11.28
CA LYS A 229 17.05 -9.96 11.66
C LYS A 229 16.19 -8.75 11.33
N ILE A 230 15.53 -8.79 10.18
CA ILE A 230 14.68 -7.68 9.76
C ILE A 230 13.41 -7.57 10.59
N THR A 231 12.81 -8.71 10.95
CA THR A 231 11.60 -8.66 11.77
C THR A 231 11.96 -8.01 13.10
N ILE A 232 13.06 -8.45 13.70
CA ILE A 232 13.51 -7.92 14.98
C ILE A 232 13.71 -6.40 14.88
N ALA A 233 14.36 -5.97 13.80
CA ALA A 233 14.61 -4.56 13.57
C ALA A 233 13.32 -3.78 13.45
N ILE A 234 12.35 -4.36 12.75
N ILE A 234 12.34 -4.36 12.76
CA ILE A 234 11.06 -3.71 12.56
CA ILE A 234 11.06 -3.70 12.58
C ILE A 234 10.35 -3.53 13.90
C ILE A 234 10.36 -3.52 13.92
N LEU A 235 10.41 -4.56 14.75
CA LEU A 235 9.78 -4.49 16.06
C LEU A 235 10.46 -3.41 16.89
N GLN A 236 11.78 -3.29 16.71
CA GLN A 236 12.54 -2.29 17.43
C GLN A 236 12.05 -0.90 17.01
N LEU A 237 11.98 -0.69 15.70
CA LEU A 237 11.53 0.59 15.14
C LEU A 237 10.10 0.89 15.57
N GLN A 238 9.26 -0.13 15.57
CA GLN A 238 7.85 0.00 15.97
C GLN A 238 7.78 0.45 17.44
N GLU A 239 8.48 -0.26 18.31
CA GLU A 239 8.48 0.05 19.74
C GLU A 239 9.12 1.39 20.11
N GLU A 240 10.11 1.82 19.33
CA GLU A 240 10.78 3.10 19.59
C GLU A 240 9.96 4.28 19.06
N GLY A 241 8.91 3.97 18.30
CA GLY A 241 8.07 5.02 17.74
C GLY A 241 8.58 5.60 16.43
N LYS A 242 9.62 4.98 15.86
CA LYS A 242 10.18 5.47 14.60
C LYS A 242 9.29 5.23 13.39
N LEU A 243 8.54 4.13 13.38
CA LEU A 243 7.66 3.87 12.25
C LEU A 243 6.55 4.91 12.25
N HIS A 244 6.08 5.29 13.44
CA HIS A 244 5.04 6.32 13.55
C HIS A 244 5.60 7.65 13.05
N MET A 245 6.83 7.94 13.45
CA MET A 245 7.47 9.19 13.04
C MET A 245 7.59 9.24 11.52
N MET A 246 8.07 8.16 10.92
CA MET A 246 8.23 8.08 9.46
C MET A 246 6.92 8.24 8.70
N LYS A 247 5.85 7.60 9.19
CA LYS A 247 4.53 7.69 8.57
C LYS A 247 4.06 9.15 8.57
N GLU A 248 4.19 9.80 9.73
CA GLU A 248 3.78 11.19 9.88
C GLU A 248 4.58 12.08 8.94
N LYS A 249 5.89 11.83 8.87
CA LYS A 249 6.78 12.61 8.02
C LYS A 249 6.37 12.62 6.55
N TRP A 250 6.05 11.45 6.00
CA TRP A 250 5.69 11.36 4.59
C TRP A 250 4.21 11.50 4.24
N TRP A 251 3.33 11.39 5.22
CA TRP A 251 1.90 11.52 4.94
C TRP A 251 1.28 12.88 5.26
N ARG A 252 1.74 13.53 6.32
CA ARG A 252 1.17 14.83 6.71
C ARG A 252 1.14 15.85 5.58
N GLY A 253 -0.01 16.48 5.41
CA GLY A 253 -0.17 17.50 4.37
C GLY A 253 -0.08 18.88 4.98
N ASN A 254 -0.58 19.89 4.28
CA ASN A 254 -0.54 21.26 4.79
C ASN A 254 -1.75 21.63 5.62
N GLY A 255 -2.52 20.64 6.04
CA GLY A 255 -3.70 20.88 6.84
C GLY A 255 -4.86 21.53 6.10
#